data_4Q8I
#
_entry.id   4Q8I
#
_cell.length_a   49.925
_cell.length_b   68.026
_cell.length_c   75.554
_cell.angle_alpha   90.00
_cell.angle_beta   90.00
_cell.angle_gamma   90.00
#
_symmetry.space_group_name_H-M   'P 21 21 21'
#
loop_
_entity.id
_entity.type
_entity.pdbx_description
1 polymer Beta-lactamase
2 non-polymer '(4R,5S)-3-(1-(4,5-dihydrothiazol-2-yl)azetidin-3-ylthio)-5-((2S,3R)-3-hydroxy-1-oxobutan-2-yl)-4-methyl-4,5- dihydro-1H-pyrrole-2-carboxylic acid'
3 non-polymer 'PHOSPHATE ION'
4 water water
#
_entity_poly.entity_id   1
_entity_poly.type   'polypeptide(L)'
_entity_poly.pdbx_seq_one_letter_code
;GADLADRFAELERRYDARLGVYVPATGTTAAIEYRADERFAFCSTFKAPLVAAVLHQNPLTHLDKLITYTSDDIRSISPV
AQQHVQTGMTIGQLCDAAIRYSDGTAANLLLADLGGPGGGTAAFTGYLRSLGDTVSRLDAEEPELNRDPPGDERDTTTPH
AIALVLQQLVLGNALPPDKRALLTDWMARNTTGAKRIRAGFPADWKVIDKTGTGDYGRANDIAVVWSPTGVPYVVAVMSD
RAGGGYDAEPREALLAEAATCVAGVLA
;
_entity_poly.pdbx_strand_id   A
#
loop_
_chem_comp.id
_chem_comp.type
_chem_comp.name
_chem_comp.formula
PO4 non-polymer 'PHOSPHATE ION' 'O4 P -3'
TEB non-polymer '(4R,5S)-3-(1-(4,5-dihydrothiazol-2-yl)azetidin-3-ylthio)-5-((2S,3R)-3-hydroxy-1-oxobutan-2-yl)-4-methyl-4,5- dihydro-1H-pyrrole-2-carboxylic acid' 'C16 H23 N3 O4 S2'
#
# COMPACT_ATOMS: atom_id res chain seq x y z
N ASP A 3 -24.99 -12.71 -1.06
CA ASP A 3 -24.78 -11.27 -1.04
C ASP A 3 -23.38 -10.92 -0.52
N LEU A 4 -22.66 -10.07 -1.26
CA LEU A 4 -21.29 -9.73 -0.91
C LEU A 4 -21.16 -9.12 0.48
N ALA A 5 -22.06 -8.19 0.80
CA ALA A 5 -21.99 -7.49 2.09
C ALA A 5 -22.10 -8.49 3.25
N ASP A 6 -22.95 -9.49 3.09
CA ASP A 6 -23.12 -10.53 4.09
C ASP A 6 -21.85 -11.36 4.26
N ARG A 7 -21.20 -11.69 3.15
CA ARG A 7 -19.94 -12.41 3.18
C ARG A 7 -18.85 -11.62 3.91
N PHE A 8 -18.71 -10.34 3.54
CA PHE A 8 -17.74 -9.49 4.24
C PHE A 8 -18.03 -9.37 5.75
N ALA A 9 -19.30 -9.18 6.12
CA ALA A 9 -19.67 -9.05 7.53
C ALA A 9 -19.36 -10.34 8.29
N GLU A 10 -19.56 -11.47 7.62
CA GLU A 10 -19.27 -12.76 8.19
C GLU A 10 -17.78 -12.91 8.52
N LEU A 11 -16.91 -12.47 7.61
CA LEU A 11 -15.48 -12.51 7.81
C LEU A 11 -15.07 -11.64 8.99
N GLU A 12 -15.71 -10.49 9.11
CA GLU A 12 -15.48 -9.60 10.25
C GLU A 12 -15.75 -10.29 11.59
N ARG A 13 -16.85 -11.00 11.68
CA ARG A 13 -17.14 -11.77 12.89
C ARG A 13 -16.10 -12.86 13.12
N ARG A 14 -15.68 -13.53 12.03
CA ARG A 14 -14.76 -14.66 12.13
C ARG A 14 -13.40 -14.25 12.68
N TYR A 15 -12.95 -13.06 12.31
CA TYR A 15 -11.62 -12.59 12.70
C TYR A 15 -11.67 -11.44 13.70
N ASP A 16 -12.84 -11.23 14.31
CA ASP A 16 -13.05 -10.11 15.25
C ASP A 16 -12.38 -8.84 14.73
N ALA A 17 -12.77 -8.45 13.53
CA ALA A 17 -12.04 -7.43 12.82
C ALA A 17 -12.99 -6.46 12.14
N ARG A 18 -12.42 -5.34 11.67
CA ARG A 18 -13.12 -4.41 10.82
C ARG A 18 -12.47 -4.52 9.44
N LEU A 19 -13.27 -4.69 8.40
CA LEU A 19 -12.77 -4.92 7.05
C LEU A 19 -13.24 -3.83 6.09
N GLY A 20 -12.34 -3.34 5.26
CA GLY A 20 -12.71 -2.39 4.22
C GLY A 20 -12.26 -2.86 2.85
N VAL A 21 -13.14 -2.72 1.87
CA VAL A 21 -12.87 -3.26 0.54
C VAL A 21 -13.31 -2.23 -0.49
N TYR A 22 -12.50 -1.98 -1.51
CA TYR A 22 -12.99 -1.21 -2.64
C TYR A 22 -12.43 -1.72 -3.96
N VAL A 23 -13.30 -1.84 -4.96
CA VAL A 23 -12.88 -2.13 -6.34
C VAL A 23 -13.65 -1.17 -7.23
N PRO A 24 -12.94 -0.26 -7.92
CA PRO A 24 -13.59 0.75 -8.77
C PRO A 24 -14.40 0.07 -9.87
N ALA A 25 -15.45 0.76 -10.32
CA ALA A 25 -16.25 0.27 -11.43
C ALA A 25 -15.41 0.22 -12.70
N THR A 26 -15.82 -0.63 -13.63
CA THR A 26 -15.21 -0.70 -14.96
C THR A 26 -16.29 -0.60 -16.01
N GLY A 27 -15.98 -1.07 -17.22
CA GLY A 27 -16.94 -1.09 -18.30
C GLY A 27 -18.23 -1.79 -17.91
N THR A 28 -18.10 -2.96 -17.32
CA THR A 28 -19.25 -3.81 -17.07
C THR A 28 -19.35 -4.34 -15.63
N THR A 29 -18.49 -3.85 -14.74
CA THR A 29 -18.62 -4.22 -13.34
C THR A 29 -18.92 -3.00 -12.48
N ALA A 30 -19.90 -3.14 -11.59
CA ALA A 30 -20.19 -2.09 -10.62
C ALA A 30 -19.05 -2.04 -9.61
N ALA A 31 -18.87 -0.88 -8.98
CA ALA A 31 -17.88 -0.79 -7.91
C ALA A 31 -18.25 -1.78 -6.83
N ILE A 32 -17.22 -2.35 -6.19
CA ILE A 32 -17.42 -3.20 -5.02
C ILE A 32 -16.98 -2.39 -3.83
N GLU A 33 -17.86 -2.25 -2.85
CA GLU A 33 -17.54 -1.40 -1.70
C GLU A 33 -18.11 -1.94 -0.39
N TYR A 34 -17.24 -2.06 0.60
CA TYR A 34 -17.62 -2.42 1.95
C TYR A 34 -16.80 -1.56 2.90
N ARG A 35 -17.48 -0.73 3.68
CA ARG A 35 -16.80 0.20 4.59
C ARG A 35 -15.75 1.03 3.82
N ALA A 36 -15.98 1.22 2.52
CA ALA A 36 -14.96 1.75 1.62
C ALA A 36 -14.53 3.18 1.90
N ASP A 37 -15.38 3.93 2.60
CA ASP A 37 -15.07 5.33 2.92
C ASP A 37 -14.72 5.54 4.40
N GLU A 38 -14.57 4.44 5.13
CA GLU A 38 -14.04 4.49 6.49
C GLU A 38 -12.51 4.61 6.46
N ARG A 39 -11.95 5.35 7.41
CA ARG A 39 -10.50 5.48 7.47
C ARG A 39 -9.87 4.24 8.06
N PHE A 40 -8.78 3.81 7.43
CA PHE A 40 -7.91 2.76 7.94
C PHE A 40 -6.48 3.29 7.87
N ALA A 41 -5.63 2.86 8.79
CA ALA A 41 -4.22 3.23 8.74
C ALA A 41 -3.61 2.80 7.42
N PHE A 42 -2.78 3.65 6.80
CA PHE A 42 -2.02 3.29 5.61
C PHE A 42 -1.17 2.06 5.87
N CYS A 43 -0.53 2.07 7.04
CA CYS A 43 0.67 1.29 7.27
C CYS A 43 1.56 1.38 6.03
N SER A 44 2.24 0.30 5.67
CA SER A 44 3.21 0.37 4.58
C SER A 44 2.63 0.56 3.18
N THR A 45 1.31 0.57 3.04
CA THR A 45 0.75 0.78 1.70
C THR A 45 1.11 2.14 1.08
N PHE A 46 1.45 3.13 1.91
CA PHE A 46 1.80 4.47 1.39
C PHE A 46 3.06 4.44 0.53
N LYS A 47 3.81 3.37 0.65
CA LYS A 47 5.10 3.29 -0.02
C LYS A 47 4.97 3.18 -1.53
N ALA A 48 3.84 2.64 -2.01
CA ALA A 48 3.60 2.61 -3.45
C ALA A 48 3.43 4.03 -4.00
N PRO A 49 2.49 4.83 -3.46
CA PRO A 49 2.49 6.21 -3.97
C PRO A 49 3.73 7.01 -3.58
N LEU A 50 4.46 6.61 -2.53
CA LEU A 50 5.68 7.34 -2.16
C LEU A 50 6.72 7.21 -3.25
N VAL A 51 6.86 5.99 -3.78
CA VAL A 51 7.81 5.72 -4.84
C VAL A 51 7.40 6.49 -6.11
N ALA A 52 6.11 6.48 -6.44
CA ALA A 52 5.60 7.24 -7.58
C ALA A 52 5.93 8.74 -7.46
N ALA A 53 5.75 9.28 -6.25
CA ALA A 53 6.08 10.68 -6.01
C ALA A 53 7.55 10.94 -6.29
N VAL A 54 8.42 10.07 -5.79
CA VAL A 54 9.86 10.24 -6.00
C VAL A 54 10.22 10.08 -7.48
N LEU A 55 9.65 9.07 -8.14
CA LEU A 55 9.83 8.93 -9.58
C LEU A 55 9.40 10.19 -10.33
N HIS A 56 8.21 10.67 -10.00
CA HIS A 56 7.63 11.82 -10.69
C HIS A 56 8.45 13.10 -10.51
N GLN A 57 8.99 13.27 -9.31
CA GLN A 57 9.69 14.48 -8.89
C GLN A 57 11.04 14.64 -9.60
N ASN A 58 11.60 13.55 -10.11
CA ASN A 58 13.00 13.56 -10.57
C ASN A 58 13.20 12.96 -11.95
N PRO A 59 14.32 13.31 -12.62
CA PRO A 59 14.71 12.57 -13.83
C PRO A 59 14.93 11.11 -13.48
N LEU A 60 14.80 10.25 -14.47
CA LEU A 60 14.87 8.82 -14.24
C LEU A 60 16.23 8.40 -13.67
N THR A 61 17.31 9.06 -14.08
CA THR A 61 18.63 8.70 -13.59
C THR A 61 18.90 9.14 -12.15
N HIS A 62 17.92 9.75 -11.51
CA HIS A 62 18.00 10.04 -10.07
C HIS A 62 18.03 8.70 -9.33
N LEU A 63 17.52 7.66 -9.98
CA LEU A 63 17.55 6.31 -9.44
C LEU A 63 18.97 5.87 -9.12
N ASP A 64 19.94 6.48 -9.78
CA ASP A 64 21.34 6.10 -9.63
C ASP A 64 22.06 6.86 -8.53
N LYS A 65 21.40 7.86 -7.95
CA LYS A 65 22.02 8.61 -6.86
C LYS A 65 22.19 7.75 -5.62
N LEU A 66 23.38 7.75 -5.04
CA LEU A 66 23.65 6.97 -3.84
C LEU A 66 23.28 7.76 -2.59
N ILE A 67 22.47 7.14 -1.73
CA ILE A 67 22.09 7.74 -0.46
C ILE A 67 22.84 7.08 0.69
N THR A 68 23.45 7.88 1.55
CA THR A 68 24.14 7.34 2.71
C THR A 68 23.31 7.53 3.98
N TYR A 69 23.51 6.64 4.94
CA TYR A 69 22.74 6.67 6.17
C TYR A 69 23.49 5.96 7.30
N THR A 70 22.97 6.09 8.52
CA THR A 70 23.72 5.66 9.69
C THR A 70 22.96 4.69 10.61
N SER A 71 23.65 4.20 11.64
CA SER A 71 23.06 3.24 12.57
C SER A 71 21.76 3.75 13.20
N ASP A 72 21.72 5.05 13.47
CA ASP A 72 20.55 5.65 14.12
C ASP A 72 19.40 5.89 13.14
N ASP A 73 19.59 5.45 11.89
CA ASP A 73 18.55 5.56 10.89
C ASP A 73 17.72 4.28 10.83
N ILE A 74 18.21 3.23 11.47
CA ILE A 74 17.47 1.96 11.47
C ILE A 74 16.58 1.86 12.72
N ARG A 75 15.29 2.10 12.53
CA ARG A 75 14.35 2.32 13.63
C ARG A 75 13.09 1.51 13.45
N SER A 76 13.07 0.70 12.39
CA SER A 76 11.89 -0.08 12.03
C SER A 76 12.35 -1.28 11.21
N ILE A 77 11.46 -2.16 10.88
CA ILE A 77 11.74 -3.32 10.10
C ILE A 77 12.30 -2.93 8.76
N SER A 78 13.51 -3.38 8.49
CA SER A 78 14.29 -2.93 7.34
C SER A 78 15.22 -4.04 6.81
N PRO A 79 14.66 -5.12 6.31
CA PRO A 79 15.41 -6.29 5.85
C PRO A 79 16.57 -5.96 4.91
N VAL A 80 16.42 -4.92 4.11
CA VAL A 80 17.42 -4.53 3.13
C VAL A 80 18.37 -3.52 3.67
N ALA A 81 17.85 -2.41 4.14
CA ALA A 81 18.63 -1.31 4.57
C ALA A 81 19.54 -1.68 5.73
N GLN A 82 19.11 -2.63 6.55
CA GLN A 82 19.92 -3.04 7.69
C GLN A 82 21.31 -3.47 7.24
N GLN A 83 21.44 -4.10 6.10
CA GLN A 83 22.71 -4.51 5.52
C GLN A 83 23.59 -3.47 4.85
N HIS A 84 23.15 -2.25 4.59
CA HIS A 84 23.89 -1.33 3.75
C HIS A 84 24.14 -0.01 4.34
N VAL A 85 24.08 0.14 5.65
CA VAL A 85 24.43 1.42 6.20
C VAL A 85 25.86 1.85 5.88
N GLN A 86 26.73 0.85 5.82
CA GLN A 86 28.14 0.99 5.46
C GLN A 86 28.22 1.66 4.03
N THR A 87 27.73 0.94 3.05
CA THR A 87 27.88 1.30 1.67
C THR A 87 26.85 2.28 1.11
N GLY A 88 25.77 2.51 1.83
CA GLY A 88 24.67 3.25 1.31
C GLY A 88 23.79 2.48 0.35
N MET A 89 22.77 3.13 -0.15
CA MET A 89 21.88 2.58 -1.09
C MET A 89 21.45 3.61 -2.12
N THR A 90 21.39 3.24 -3.37
CA THR A 90 20.88 4.16 -4.41
C THR A 90 19.38 4.39 -4.27
N ILE A 91 18.89 5.46 -4.84
CA ILE A 91 17.46 5.75 -4.84
C ILE A 91 16.68 4.56 -5.43
N GLY A 92 17.20 4.00 -6.52
CA GLY A 92 16.62 2.80 -7.12
C GLY A 92 16.53 1.63 -6.16
N GLN A 93 17.64 1.31 -5.51
CA GLN A 93 17.65 0.24 -4.50
C GLN A 93 16.67 0.50 -3.36
N LEU A 94 16.51 1.77 -2.99
CA LEU A 94 15.59 2.15 -1.93
C LEU A 94 14.14 1.93 -2.32
N CYS A 95 13.79 2.34 -3.54
CA CYS A 95 12.46 2.13 -4.08
C CYS A 95 12.18 0.63 -4.11
N ASP A 96 13.17 -0.13 -4.59
CA ASP A 96 13.06 -1.57 -4.72
C ASP A 96 12.75 -2.19 -3.36
N ALA A 97 13.55 -1.84 -2.36
CA ALA A 97 13.41 -2.36 -1.01
C ALA A 97 12.09 -1.95 -0.36
N ALA A 98 11.71 -0.68 -0.55
CA ALA A 98 10.51 -0.13 0.07
C ALA A 98 9.24 -0.84 -0.37
N ILE A 99 9.19 -1.19 -1.65
CA ILE A 99 8.03 -1.87 -2.21
C ILE A 99 8.09 -3.40 -2.07
N ARG A 100 9.21 -4.02 -2.45
CA ARG A 100 9.29 -5.47 -2.55
C ARG A 100 9.52 -6.16 -1.21
N TYR A 101 10.16 -5.46 -0.28
CA TYR A 101 10.41 -6.01 1.05
C TYR A 101 9.73 -5.19 2.15
N SER A 102 9.00 -4.16 1.74
CA SER A 102 8.35 -3.24 2.68
C SER A 102 9.32 -2.74 3.73
N ASP A 103 10.50 -2.35 3.26
CA ASP A 103 11.57 -1.81 4.10
C ASP A 103 11.20 -0.44 4.65
N GLY A 104 11.19 -0.30 5.97
CA GLY A 104 10.79 0.94 6.60
C GLY A 104 11.84 2.04 6.56
N THR A 105 13.10 1.65 6.69
CA THR A 105 14.19 2.64 6.61
C THR A 105 14.27 3.21 5.22
N ALA A 106 14.04 2.36 4.22
CA ALA A 106 14.05 2.83 2.83
C ALA A 106 12.96 3.88 2.63
N ALA A 107 11.80 3.64 3.22
CA ALA A 107 10.68 4.58 3.10
C ALA A 107 11.02 5.90 3.77
N ASN A 108 11.65 5.84 4.95
CA ASN A 108 12.08 7.05 5.64
C ASN A 108 13.05 7.86 4.79
N LEU A 109 13.97 7.17 4.13
CA LEU A 109 14.98 7.82 3.30
C LEU A 109 14.33 8.43 2.05
N LEU A 110 13.37 7.72 1.48
CA LEU A 110 12.63 8.22 0.31
C LEU A 110 11.79 9.44 0.66
N LEU A 111 11.18 9.44 1.83
CA LEU A 111 10.46 10.61 2.33
C LEU A 111 11.40 11.80 2.49
N ALA A 112 12.60 11.54 3.00
CA ALA A 112 13.58 12.59 3.19
C ALA A 112 14.01 13.13 1.84
N ASP A 113 14.09 12.26 0.85
CA ASP A 113 14.47 12.67 -0.51
C ASP A 113 13.42 13.59 -1.11
N LEU A 114 12.15 13.26 -0.90
CA LEU A 114 11.06 14.07 -1.40
C LEU A 114 11.09 15.44 -0.74
N GLY A 115 11.38 15.44 0.57
CA GLY A 115 11.81 16.63 1.27
C GLY A 115 10.68 17.51 1.75
N GLY A 116 11.03 18.63 2.37
CA GLY A 116 10.03 19.57 2.85
C GLY A 116 9.54 19.21 4.24
N PRO A 117 8.61 20.01 4.81
CA PRO A 117 8.12 19.89 6.19
C PRO A 117 7.64 18.48 6.56
N GLY A 118 7.75 18.12 7.83
CA GLY A 118 7.34 16.80 8.29
C GLY A 118 8.22 15.69 7.76
N GLY A 119 9.46 16.04 7.39
CA GLY A 119 10.41 15.09 6.86
C GLY A 119 9.93 14.42 5.59
N GLY A 120 9.15 15.17 4.80
CA GLY A 120 8.57 14.62 3.58
C GLY A 120 7.12 14.18 3.65
N THR A 121 6.55 14.08 4.86
CA THR A 121 5.15 13.67 4.98
C THR A 121 4.20 14.70 4.36
N ALA A 122 4.54 15.98 4.50
CA ALA A 122 3.73 17.03 3.88
C ALA A 122 3.79 16.98 2.34
N ALA A 123 4.97 16.78 1.77
CA ALA A 123 5.08 16.66 0.31
C ALA A 123 4.42 15.38 -0.19
N PHE A 124 4.46 14.33 0.63
CA PHE A 124 3.83 13.08 0.23
C PHE A 124 2.33 13.28 0.12
N THR A 125 1.78 13.96 1.13
CA THR A 125 0.37 14.26 1.16
C THR A 125 -0.01 15.20 0.02
N GLY A 126 0.83 16.21 -0.23
CA GLY A 126 0.64 17.08 -1.39
C GLY A 126 0.54 16.30 -2.69
N TYR A 127 1.36 15.26 -2.82
CA TYR A 127 1.33 14.43 -4.02
C TYR A 127 -0.03 13.78 -4.23
N LEU A 128 -0.59 13.22 -3.16
CA LEU A 128 -1.92 12.61 -3.21
C LEU A 128 -2.98 13.65 -3.58
N ARG A 129 -2.85 14.86 -3.04
CA ARG A 129 -3.81 15.92 -3.34
C ARG A 129 -3.78 16.27 -4.82
N SER A 130 -2.60 16.16 -5.44
CA SER A 130 -2.47 16.46 -6.87
C SER A 130 -3.14 15.41 -7.72
N LEU A 131 -3.36 14.23 -7.14
CA LEU A 131 -4.06 13.15 -7.81
C LEU A 131 -5.54 13.14 -7.43
N GLY A 132 -6.00 14.21 -6.79
CA GLY A 132 -7.41 14.38 -6.48
C GLY A 132 -7.88 13.73 -5.19
N ASP A 133 -6.95 13.15 -4.43
CA ASP A 133 -7.26 12.51 -3.15
C ASP A 133 -7.31 13.55 -2.03
N THR A 134 -8.52 13.94 -1.64
CA THR A 134 -8.68 14.95 -0.60
C THR A 134 -8.89 14.32 0.76
N VAL A 135 -8.70 13.00 0.84
CA VAL A 135 -9.02 12.24 2.03
C VAL A 135 -7.78 11.81 2.81
N SER A 136 -6.84 11.15 2.13
CA SER A 136 -5.69 10.54 2.80
C SER A 136 -4.78 11.59 3.43
N ARG A 137 -4.01 11.17 4.43
CA ARG A 137 -2.99 12.02 5.03
C ARG A 137 -1.88 11.18 5.62
N LEU A 138 -0.64 11.64 5.43
CA LEU A 138 0.51 11.03 6.10
C LEU A 138 1.06 12.06 7.07
N ASP A 139 1.24 11.67 8.32
CA ASP A 139 1.62 12.61 9.37
C ASP A 139 2.96 12.27 10.03
N ALA A 140 3.37 11.03 9.93
CA ALA A 140 4.58 10.58 10.60
C ALA A 140 5.37 9.66 9.68
N GLU A 141 6.60 9.35 10.07
CA GLU A 141 7.37 8.38 9.30
C GLU A 141 7.49 7.09 10.12
N GLU A 142 8.32 6.15 9.65
CA GLU A 142 8.49 4.88 10.36
C GLU A 142 9.30 5.12 11.62
N PRO A 143 8.92 4.47 12.74
CA PRO A 143 7.80 3.52 12.85
C PRO A 143 6.52 4.13 13.41
N GLU A 144 6.49 5.43 13.70
CA GLU A 144 5.31 6.01 14.34
C GLU A 144 4.02 5.86 13.52
N LEU A 145 4.12 5.89 12.20
CA LEU A 145 2.92 5.98 11.36
C LEU A 145 1.99 4.77 11.49
N ASN A 146 2.49 3.68 12.07
CA ASN A 146 1.73 2.44 12.23
C ASN A 146 0.98 2.33 13.55
N ARG A 147 1.17 3.32 14.41
CA ARG A 147 0.82 3.19 15.83
C ARG A 147 -0.30 4.10 16.30
N ASP A 148 -0.93 4.86 15.41
CA ASP A 148 -2.02 5.73 15.82
C ASP A 148 -3.16 4.87 16.34
N PRO A 149 -3.84 5.34 17.39
CA PRO A 149 -4.95 4.57 17.96
C PRO A 149 -6.03 4.34 16.94
N PRO A 150 -6.80 3.25 17.07
CA PRO A 150 -7.99 3.05 16.24
C PRO A 150 -8.90 4.27 16.27
N GLY A 151 -9.42 4.68 15.10
CA GLY A 151 -10.22 5.87 14.98
C GLY A 151 -9.48 7.15 14.62
N ASP A 152 -8.23 7.27 15.06
CA ASP A 152 -7.45 8.48 14.84
C ASP A 152 -7.26 8.68 13.34
N GLU A 153 -7.38 9.93 12.87
CA GLU A 153 -7.28 10.18 11.42
C GLU A 153 -5.84 10.32 10.91
N ARG A 154 -4.90 10.49 11.83
N ARG A 154 -4.89 10.49 11.82
CA ARG A 154 -3.48 10.55 11.46
CA ARG A 154 -3.49 10.58 11.44
C ARG A 154 -3.07 9.32 10.67
C ARG A 154 -3.05 9.33 10.70
N ASP A 155 -2.27 9.53 9.63
CA ASP A 155 -1.70 8.42 8.86
C ASP A 155 -2.74 7.46 8.26
N THR A 156 -3.90 7.98 7.86
CA THR A 156 -4.96 7.13 7.33
C THR A 156 -5.28 7.39 5.86
N THR A 157 -5.82 6.36 5.21
CA THR A 157 -6.46 6.50 3.91
C THR A 157 -7.81 5.78 4.04
N THR A 158 -8.50 5.57 2.93
CA THR A 158 -9.69 4.71 2.91
C THR A 158 -9.52 3.73 1.74
N PRO A 159 -10.21 2.59 1.78
CA PRO A 159 -10.11 1.67 0.64
C PRO A 159 -10.47 2.37 -0.67
N HIS A 160 -11.47 3.24 -0.62
CA HIS A 160 -11.89 4.01 -1.78
C HIS A 160 -10.80 4.97 -2.26
N ALA A 161 -10.22 5.77 -1.36
CA ALA A 161 -9.22 6.74 -1.75
C ALA A 161 -7.96 6.10 -2.33
N ILE A 162 -7.45 5.07 -1.66
CA ILE A 162 -6.20 4.44 -2.11
C ILE A 162 -6.38 3.66 -3.42
N ALA A 163 -7.56 3.08 -3.62
CA ALA A 163 -7.87 2.43 -4.90
C ALA A 163 -7.84 3.46 -6.04
N LEU A 164 -8.42 4.63 -5.83
CA LEU A 164 -8.44 5.64 -6.89
C LEU A 164 -7.02 6.14 -7.19
N VAL A 165 -6.21 6.29 -6.14
CA VAL A 165 -4.83 6.70 -6.34
C VAL A 165 -4.06 5.61 -7.11
N LEU A 166 -4.19 4.36 -6.68
CA LEU A 166 -3.44 3.29 -7.33
C LEU A 166 -3.84 3.14 -8.79
N GLN A 167 -5.13 3.33 -9.07
N GLN A 167 -5.13 3.31 -9.08
CA GLN A 167 -5.66 3.24 -10.43
CA GLN A 167 -5.61 3.23 -10.45
C GLN A 167 -4.96 4.25 -11.34
C GLN A 167 -4.88 4.23 -11.32
N GLN A 168 -4.82 5.48 -10.87
CA GLN A 168 -4.13 6.52 -11.63
C GLN A 168 -2.65 6.17 -11.83
N LEU A 169 -2.02 5.63 -10.80
CA LEU A 169 -0.60 5.27 -10.85
C LEU A 169 -0.27 4.19 -11.87
N VAL A 170 -1.06 3.11 -11.87
CA VAL A 170 -0.72 1.91 -12.64
C VAL A 170 -1.46 1.83 -13.98
N LEU A 171 -2.74 2.19 -13.99
CA LEU A 171 -3.54 2.09 -15.19
C LEU A 171 -3.70 3.42 -15.92
N GLY A 172 -3.63 4.51 -15.16
CA GLY A 172 -3.86 5.83 -15.71
C GLY A 172 -2.58 6.56 -16.08
N ASN A 173 -2.66 7.88 -16.15
CA ASN A 173 -1.55 8.69 -16.67
C ASN A 173 -0.83 9.56 -15.64
N ALA A 174 -0.85 9.13 -14.38
CA ALA A 174 -0.19 9.91 -13.33
C ALA A 174 1.32 9.97 -13.57
N LEU A 175 1.89 8.88 -14.08
CA LEU A 175 3.31 8.83 -14.42
C LEU A 175 3.51 8.57 -15.91
N PRO A 176 4.64 9.05 -16.46
CA PRO A 176 5.02 8.70 -17.84
C PRO A 176 5.22 7.20 -17.94
N PRO A 177 5.09 6.64 -19.14
CA PRO A 177 5.20 5.18 -19.33
C PRO A 177 6.45 4.55 -18.73
N ASP A 178 7.62 5.17 -18.89
CA ASP A 178 8.84 4.56 -18.37
C ASP A 178 8.87 4.52 -16.85
N LYS A 179 8.42 5.59 -16.21
CA LYS A 179 8.31 5.62 -14.76
C LYS A 179 7.19 4.69 -14.29
N ARG A 180 6.10 4.65 -15.05
CA ARG A 180 4.97 3.79 -14.70
C ARG A 180 5.38 2.33 -14.72
N ALA A 181 6.20 1.96 -15.70
CA ALA A 181 6.69 0.58 -15.81
C ALA A 181 7.56 0.21 -14.63
N LEU A 182 8.36 1.17 -14.17
CA LEU A 182 9.23 0.92 -13.02
C LEU A 182 8.40 0.58 -11.79
N LEU A 183 7.41 1.41 -11.51
CA LEU A 183 6.51 1.19 -10.38
C LEU A 183 5.81 -0.16 -10.49
N THR A 184 5.24 -0.42 -11.65
CA THR A 184 4.50 -1.66 -11.89
C THR A 184 5.36 -2.91 -11.68
N ASP A 185 6.54 -2.94 -12.29
CA ASP A 185 7.48 -4.05 -12.10
C ASP A 185 7.84 -4.33 -10.65
N TRP A 186 8.09 -3.29 -9.86
CA TRP A 186 8.42 -3.49 -8.45
C TRP A 186 7.25 -4.14 -7.72
N MET A 187 6.04 -3.65 -7.96
CA MET A 187 4.86 -4.23 -7.31
C MET A 187 4.62 -5.65 -7.80
N ALA A 188 4.90 -5.89 -9.09
CA ALA A 188 4.82 -7.23 -9.66
C ALA A 188 5.77 -8.19 -8.96
N ARG A 189 6.92 -7.68 -8.54
CA ARG A 189 7.95 -8.54 -7.97
C ARG A 189 7.93 -8.50 -6.43
N ASN A 190 6.84 -8.00 -5.88
CA ASN A 190 6.68 -7.94 -4.43
C ASN A 190 6.85 -9.32 -3.79
N THR A 191 7.56 -9.36 -2.65
CA THR A 191 7.78 -10.63 -1.96
C THR A 191 6.88 -10.82 -0.74
N THR A 192 6.13 -9.78 -0.38
CA THR A 192 5.44 -9.84 0.91
C THR A 192 3.96 -10.17 0.83
N GLY A 193 3.45 -10.44 -0.36
CA GLY A 193 2.01 -10.51 -0.57
C GLY A 193 1.38 -11.85 -0.91
N ALA A 194 2.11 -12.94 -0.71
CA ALA A 194 1.62 -14.25 -1.18
C ALA A 194 0.35 -14.71 -0.47
N LYS A 195 0.13 -14.25 0.76
CA LYS A 195 -0.97 -14.75 1.55
C LYS A 195 -2.14 -13.78 1.65
N ARG A 196 -2.17 -12.82 0.72
CA ARG A 196 -3.22 -11.81 0.76
C ARG A 196 -4.06 -11.80 -0.53
N ILE A 197 -4.14 -10.68 -1.23
CA ILE A 197 -4.93 -10.63 -2.45
C ILE A 197 -4.51 -11.71 -3.46
N ARG A 198 -3.20 -11.92 -3.58
CA ARG A 198 -2.67 -12.98 -4.45
C ARG A 198 -3.29 -14.36 -4.16
N ALA A 199 -3.59 -14.60 -2.89
CA ALA A 199 -4.09 -15.91 -2.48
C ALA A 199 -5.55 -16.10 -2.87
N GLY A 200 -6.25 -15.00 -3.14
CA GLY A 200 -7.67 -15.05 -3.47
C GLY A 200 -8.01 -15.13 -4.94
N PHE A 201 -7.00 -14.92 -5.79
CA PHE A 201 -7.21 -14.97 -7.25
C PHE A 201 -6.55 -16.18 -7.88
N PRO A 202 -7.19 -16.76 -8.91
CA PRO A 202 -6.63 -17.91 -9.64
C PRO A 202 -5.25 -17.60 -10.21
N ALA A 203 -4.46 -18.63 -10.44
CA ALA A 203 -3.08 -18.48 -10.90
C ALA A 203 -2.94 -17.81 -12.27
N ASP A 204 -3.91 -17.99 -13.16
CA ASP A 204 -3.85 -17.33 -14.47
C ASP A 204 -4.21 -15.84 -14.44
N TRP A 205 -4.52 -15.30 -13.26
CA TRP A 205 -4.66 -13.86 -13.10
C TRP A 205 -3.34 -13.27 -12.65
N LYS A 206 -2.90 -12.19 -13.30
CA LYS A 206 -1.71 -11.47 -12.83
C LYS A 206 -2.05 -10.59 -11.62
N VAL A 207 -1.21 -10.62 -10.59
CA VAL A 207 -1.39 -9.74 -9.44
C VAL A 207 -0.11 -8.95 -9.09
N ILE A 208 -0.23 -7.64 -8.95
CA ILE A 208 0.87 -6.83 -8.43
C ILE A 208 0.30 -6.17 -7.20
N ASP A 209 1.12 -5.90 -6.18
CA ASP A 209 0.56 -5.41 -4.93
C ASP A 209 1.56 -4.79 -3.99
N LYS A 210 1.04 -4.09 -2.99
CA LYS A 210 1.86 -3.58 -1.89
C LYS A 210 1.08 -3.78 -0.60
N THR A 211 1.69 -4.48 0.36
CA THR A 211 1.02 -4.76 1.63
C THR A 211 1.24 -3.66 2.68
N GLY A 212 0.53 -3.81 3.79
CA GLY A 212 0.73 -2.98 4.96
C GLY A 212 0.41 -3.82 6.17
N THR A 213 1.20 -3.66 7.21
CA THR A 213 0.95 -4.42 8.45
C THR A 213 1.28 -3.50 9.60
N GLY A 214 0.52 -3.59 10.69
CA GLY A 214 0.78 -2.73 11.82
C GLY A 214 0.17 -3.18 13.12
N ASP A 215 0.16 -2.27 14.08
CA ASP A 215 -0.38 -2.55 15.39
C ASP A 215 -1.89 -2.60 15.33
N TYR A 216 -2.52 -3.00 16.44
CA TYR A 216 -3.98 -3.12 16.49
C TYR A 216 -4.49 -4.09 15.40
N GLY A 217 -3.68 -5.08 15.07
CA GLY A 217 -4.06 -6.14 14.15
C GLY A 217 -4.25 -5.66 12.73
N ARG A 218 -3.55 -4.59 12.37
CA ARG A 218 -3.67 -4.02 11.03
C ARG A 218 -3.03 -4.86 9.93
N ALA A 219 -3.79 -5.09 8.86
CA ALA A 219 -3.33 -5.84 7.71
C ALA A 219 -4.01 -5.29 6.47
N ASN A 220 -3.22 -4.76 5.55
CA ASN A 220 -3.75 -4.18 4.32
C ASN A 220 -3.10 -4.82 3.12
N ASP A 221 -3.76 -4.71 1.97
CA ASP A 221 -3.16 -5.05 0.69
C ASP A 221 -3.84 -4.22 -0.41
N ILE A 222 -3.04 -3.59 -1.25
CA ILE A 222 -3.57 -2.90 -2.42
C ILE A 222 -2.95 -3.51 -3.65
N ALA A 223 -3.77 -3.79 -4.64
CA ALA A 223 -3.30 -4.55 -5.79
C ALA A 223 -3.92 -4.02 -7.07
N VAL A 224 -3.26 -4.32 -8.19
CA VAL A 224 -3.92 -4.27 -9.47
C VAL A 224 -3.87 -5.69 -10.01
N VAL A 225 -5.00 -6.18 -10.49
CA VAL A 225 -5.03 -7.54 -11.01
C VAL A 225 -5.47 -7.51 -12.47
N TRP A 226 -5.00 -8.50 -13.23
CA TRP A 226 -5.38 -8.65 -14.63
C TRP A 226 -5.95 -10.03 -14.86
N SER A 227 -7.13 -10.09 -15.49
CA SER A 227 -7.77 -11.36 -15.82
C SER A 227 -6.93 -12.06 -16.89
N PRO A 228 -7.20 -13.36 -17.14
CA PRO A 228 -6.43 -14.08 -18.15
C PRO A 228 -6.57 -13.50 -19.56
N THR A 229 -7.49 -12.57 -19.77
CA THR A 229 -7.64 -11.92 -21.07
C THR A 229 -7.18 -10.46 -21.02
N GLY A 230 -6.49 -10.09 -19.94
CA GLY A 230 -5.86 -8.80 -19.85
C GLY A 230 -6.78 -7.67 -19.39
N VAL A 231 -7.82 -8.01 -18.65
CA VAL A 231 -8.72 -6.99 -18.14
C VAL A 231 -8.30 -6.65 -16.72
N PRO A 232 -7.93 -5.38 -16.47
CA PRO A 232 -7.41 -4.94 -15.17
C PRO A 232 -8.48 -4.50 -14.17
N TYR A 233 -8.24 -4.80 -12.88
CA TYR A 233 -9.09 -4.31 -11.80
C TYR A 233 -8.20 -3.84 -10.67
N VAL A 234 -8.64 -2.83 -9.94
CA VAL A 234 -7.89 -2.38 -8.78
C VAL A 234 -8.61 -2.91 -7.55
N VAL A 235 -7.85 -3.51 -6.63
CA VAL A 235 -8.41 -4.10 -5.42
C VAL A 235 -7.71 -3.54 -4.19
N ALA A 236 -8.49 -2.89 -3.33
CA ALA A 236 -7.97 -2.41 -2.05
C ALA A 236 -8.67 -3.11 -0.91
N VAL A 237 -7.89 -3.82 -0.09
CA VAL A 237 -8.43 -4.45 1.11
C VAL A 237 -7.66 -3.97 2.33
N MET A 238 -8.41 -3.54 3.34
CA MET A 238 -7.81 -3.04 4.57
C MET A 238 -8.50 -3.62 5.79
N SER A 239 -7.76 -3.82 6.87
CA SER A 239 -8.36 -4.40 8.05
C SER A 239 -7.66 -3.98 9.34
N ASP A 240 -8.40 -3.98 10.44
CA ASP A 240 -7.79 -3.89 11.77
C ASP A 240 -8.59 -4.71 12.76
N ARG A 241 -8.04 -4.91 13.96
CA ARG A 241 -8.70 -5.71 14.98
C ARG A 241 -8.57 -4.99 16.33
N ALA A 242 -9.14 -3.78 16.41
CA ALA A 242 -9.01 -2.91 17.58
C ALA A 242 -9.40 -3.59 18.87
N GLY A 243 -10.31 -4.56 18.76
CA GLY A 243 -10.77 -5.34 19.89
C GLY A 243 -9.66 -6.04 20.64
N GLY A 244 -8.58 -6.37 19.95
CA GLY A 244 -7.45 -7.03 20.59
C GLY A 244 -6.43 -6.07 21.20
N GLY A 245 -6.66 -4.77 21.04
CA GLY A 245 -5.70 -3.79 21.51
C GLY A 245 -4.45 -3.70 20.64
N TYR A 246 -3.43 -2.99 21.15
CA TYR A 246 -2.20 -2.67 20.40
C TYR A 246 -1.48 -3.91 19.84
N ASP A 247 -1.43 -4.98 20.63
CA ASP A 247 -0.72 -6.19 20.25
C ASP A 247 -1.58 -7.21 19.49
N ALA A 248 -2.81 -6.84 19.13
CA ALA A 248 -3.64 -7.70 18.31
C ALA A 248 -2.88 -8.20 17.08
N GLU A 249 -2.93 -9.50 16.83
CA GLU A 249 -2.24 -10.10 15.68
C GLU A 249 -2.95 -9.75 14.38
N PRO A 250 -2.20 -9.34 13.34
CA PRO A 250 -2.83 -9.17 12.03
C PRO A 250 -3.16 -10.55 11.53
N ARG A 251 -4.27 -10.69 10.81
N ARG A 251 -4.26 -10.65 10.77
CA ARG A 251 -4.61 -12.02 10.28
CA ARG A 251 -4.68 -11.93 10.24
C ARG A 251 -4.78 -11.99 8.76
C ARG A 251 -4.77 -11.88 8.72
N GLU A 252 -3.73 -12.38 8.05
CA GLU A 252 -3.69 -12.34 6.58
C GLU A 252 -4.83 -13.09 5.93
N ALA A 253 -5.26 -14.17 6.59
CA ALA A 253 -6.30 -15.03 6.06
C ALA A 253 -7.55 -14.20 5.78
N LEU A 254 -7.80 -13.19 6.61
CA LEU A 254 -8.95 -12.32 6.41
C LEU A 254 -8.92 -11.67 5.04
N LEU A 255 -7.75 -11.20 4.64
CA LEU A 255 -7.59 -10.55 3.35
C LEU A 255 -7.66 -11.56 2.19
N ALA A 256 -7.03 -12.72 2.38
CA ALA A 256 -7.15 -13.80 1.41
C ALA A 256 -8.60 -14.19 1.17
N GLU A 257 -9.39 -14.29 2.25
CA GLU A 257 -10.79 -14.67 2.10
C GLU A 257 -11.58 -13.55 1.42
N ALA A 258 -11.39 -12.32 1.88
CA ALA A 258 -12.00 -11.16 1.25
C ALA A 258 -11.68 -11.13 -0.25
N ALA A 259 -10.40 -11.31 -0.61
CA ALA A 259 -10.00 -11.32 -2.01
C ALA A 259 -10.67 -12.46 -2.79
N THR A 260 -10.80 -13.63 -2.15
CA THR A 260 -11.44 -14.77 -2.78
C THR A 260 -12.87 -14.41 -3.15
N CYS A 261 -13.56 -13.76 -2.22
CA CYS A 261 -14.93 -13.31 -2.47
C CYS A 261 -14.99 -12.35 -3.65
N VAL A 262 -14.08 -11.39 -3.68
CA VAL A 262 -14.05 -10.42 -4.75
C VAL A 262 -13.77 -11.08 -6.10
N ALA A 263 -12.79 -11.99 -6.11
CA ALA A 263 -12.44 -12.72 -7.34
C ALA A 263 -13.62 -13.49 -7.92
N GLY A 264 -14.45 -14.04 -7.04
CA GLY A 264 -15.65 -14.74 -7.48
C GLY A 264 -16.56 -13.82 -8.28
N VAL A 265 -16.65 -12.57 -7.87
CA VAL A 265 -17.49 -11.61 -8.56
C VAL A 265 -16.86 -11.18 -9.88
N LEU A 266 -15.55 -10.95 -9.86
CA LEU A 266 -14.85 -10.44 -11.04
C LEU A 266 -14.67 -11.48 -12.15
N ALA A 267 -14.86 -12.76 -11.81
CA ALA A 267 -14.70 -13.83 -12.80
C ALA A 267 -15.68 -13.69 -13.96
C7 TEB B . 4.69 -1.49 6.92
O14 TEB B . 3.40 -1.89 7.01
C6 TEB B . 5.68 -2.08 7.89
C8 TEB B . 6.67 -1.05 8.25
O15 TEB B . 7.12 -0.36 7.12
C9 TEB B . 7.84 -1.63 8.97
C5 TEB B . 6.29 -3.26 7.21
C1 TEB B . 6.39 -4.48 8.07
C10 TEB B . 5.42 -4.43 9.23
N4 TEB B . 5.35 -3.63 6.21
C3 TEB B . 5.53 -5.03 5.98
C11 TEB B . 4.40 -5.66 5.35
O13 TEB B . 4.04 -6.81 5.68
O12 TEB B . 3.82 -5.04 4.47
C2 TEB B . 6.10 -5.64 7.21
S16 TEB B . 7.65 -6.39 6.67
C17 TEB B . 7.43 -8.08 6.31
C20 TEB B . 6.39 -8.80 5.66
N19 TEB B . 7.22 -9.98 5.89
C18 TEB B . 8.27 -9.22 6.56
C21 TEB B . 6.93 -11.37 5.54
N25 TEB B . 8.17 -12.22 5.61
C24 TEB B . 7.90 -13.45 4.62
C23 TEB B . 7.05 -12.90 3.49
S22 TEB B . 6.41 -11.50 4.04
P PO4 C . -13.54 12.49 8.02
O1 PO4 C . -12.59 13.26 7.12
O2 PO4 C . -14.97 12.66 7.51
O3 PO4 C . -13.19 11.01 7.98
O4 PO4 C . -13.45 13.07 9.40
P PO4 D . 11.98 8.72 17.02
O1 PO4 D . 13.21 9.30 16.38
O2 PO4 D . 11.20 9.79 17.75
O3 PO4 D . 11.13 8.09 15.94
O4 PO4 D . 12.34 7.68 18.03
P PO4 E . 9.86 10.95 -19.10
O1 PO4 E . 9.13 12.18 -18.62
O2 PO4 E . 10.18 10.04 -17.93
O3 PO4 E . 9.01 10.20 -20.10
O4 PO4 E . 11.16 11.37 -19.75
P PO4 F . 16.12 -10.28 -4.14
O1 PO4 F . 16.65 -10.54 -5.53
O2 PO4 F . 17.06 -10.88 -3.11
O3 PO4 F . 16.01 -8.80 -3.90
O4 PO4 F . 14.75 -10.90 -4.01
#